data_2XFX
#
_entry.id   2XFX
#
_cell.length_a   44.611
_cell.length_b   97.888
_cell.length_c   123.717
_cell.angle_alpha   90.00
_cell.angle_beta   90.00
_cell.angle_gamma   90.00
#
_symmetry.space_group_name_H-M   'P 21 21 21'
#
loop_
_entity.id
_entity.type
_entity.pdbx_description
1 polymer 'MHC CLASS 1'
2 polymer BETA-2-MICROGLOBULIN
3 polymer 'UNCHARACTERIZED PROTEIN'
4 water water
#
loop_
_entity_poly.entity_id
_entity_poly.type
_entity_poly.pdbx_seq_one_letter_code
_entity_poly.pdbx_strand_id
1 'polypeptide(L)'
;GSHSLRYFHTAVSRPGLREPLFITVGYVDDTQFVRFDSDARDPRTEPRQPWMEKEGPEYWDRETQISKENALWYREALNN
LRGYYNQSEAGSHTLQEMYGCDVGSDGRLRRGYEQYGYDGRDYLALNEDLRSWTAADTAAQISKRKMEAAGAAERFRNYL
EGTCVEWLRRYLENGKDTLLRADPPKAHVTRHPSSEHEVTLRCWALGFYPEEISLTWQRNGEDQTQDMELVETRPSGDGN
FQKWAALVVPSGEEQRYTCRVQHEGLQEPLTLRWEPG
;
A
2 'polypeptide(L)'
;AIQRPPKIQVYSRHPPEDGKPNYLNCYVYGFHPPQIEIDLLKNGEKIKSEQSDLSFSKDWSFYLLSHAEFTPNSKDQYSC
RVKHVTLEQPRIVKWDRDL
;
B
3 'polypeptide(L)' VGYPKVKEEML C
#
# COMPACT_ATOMS: atom_id res chain seq x y z
N GLY A 1 4.73 6.29 21.50
CA GLY A 1 4.25 5.66 20.24
C GLY A 1 5.31 4.69 19.68
N SER A 2 4.84 3.54 19.23
CA SER A 2 5.68 2.54 18.53
C SER A 2 5.89 2.95 17.09
N HIS A 3 6.87 2.36 16.43
CA HIS A 3 7.17 2.68 15.03
C HIS A 3 7.73 1.48 14.27
N SER A 4 7.68 1.53 12.91
CA SER A 4 8.16 0.40 12.14
C SER A 4 9.03 0.83 10.99
N LEU A 5 9.97 -0.04 10.62
CA LEU A 5 10.68 0.13 9.37
C LEU A 5 10.34 -1.16 8.59
N ARG A 6 9.87 -1.04 7.36
CA ARG A 6 9.51 -2.20 6.58
C ARG A 6 9.93 -2.03 5.18
N TYR A 7 10.42 -3.10 4.64
CA TYR A 7 10.68 -3.17 3.21
C TYR A 7 9.78 -4.23 2.54
N PHE A 8 9.49 -4.00 1.26
CA PHE A 8 8.57 -4.80 0.48
C PHE A 8 9.25 -5.07 -0.85
N HIS A 9 9.53 -6.34 -1.17
CA HIS A 9 10.12 -6.76 -2.46
C HIS A 9 9.04 -7.45 -3.27
N THR A 10 9.01 -7.23 -4.60
CA THR A 10 8.15 -7.92 -5.48
C THR A 10 9.03 -8.33 -6.66
N ALA A 11 9.07 -9.62 -6.91
CA ALA A 11 9.79 -10.15 -8.11
C ALA A 11 8.76 -10.83 -8.99
N VAL A 12 8.76 -10.53 -10.30
CA VAL A 12 7.80 -11.05 -11.23
C VAL A 12 8.53 -11.62 -12.41
N SER A 13 8.39 -12.88 -12.57
CA SER A 13 9.08 -13.50 -13.76
C SER A 13 8.44 -13.02 -15.02
N ARG A 14 9.21 -13.03 -16.16
CA ARG A 14 8.74 -12.42 -17.38
C ARG A 14 9.24 -13.33 -18.47
N PRO A 15 8.45 -14.38 -18.75
CA PRO A 15 8.77 -15.36 -19.78
C PRO A 15 9.33 -14.68 -21.05
N GLY A 16 10.50 -15.10 -21.52
CA GLY A 16 11.09 -14.54 -22.71
C GLY A 16 11.65 -13.11 -22.62
N LEU A 17 11.83 -12.54 -21.43
CA LEU A 17 12.68 -11.36 -21.31
C LEU A 17 13.94 -11.76 -20.54
N ARG A 18 14.97 -10.90 -20.61
CA ARG A 18 16.26 -11.22 -20.03
C ARG A 18 16.20 -11.32 -18.49
N GLU A 19 15.29 -10.57 -17.89
CA GLU A 19 15.26 -10.46 -16.45
C GLU A 19 13.82 -10.36 -15.93
N PRO A 20 13.59 -10.89 -14.76
CA PRO A 20 12.39 -10.50 -14.01
C PRO A 20 12.31 -9.03 -13.69
N LEU A 21 11.10 -8.59 -13.29
CA LEU A 21 10.87 -7.25 -12.80
C LEU A 21 11.08 -7.37 -11.29
N PHE A 22 11.94 -6.54 -10.74
CA PHE A 22 12.22 -6.48 -9.29
C PHE A 22 11.98 -5.08 -8.79
N ILE A 23 11.11 -4.92 -7.80
CA ILE A 23 10.79 -3.63 -7.19
C ILE A 23 10.91 -3.74 -5.68
N THR A 24 11.56 -2.79 -5.07
CA THR A 24 11.58 -2.69 -3.65
C THR A 24 10.99 -1.35 -3.26
N VAL A 25 10.21 -1.30 -2.17
CA VAL A 25 9.80 -0.06 -1.59
C VAL A 25 10.00 -0.16 -0.07
N GLY A 26 10.41 0.92 0.53
CA GLY A 26 10.57 1.01 1.95
C GLY A 26 9.69 2.02 2.56
N TYR A 27 9.26 1.71 3.81
CA TYR A 27 8.34 2.53 4.54
C TYR A 27 8.82 2.69 5.99
N VAL A 28 8.60 3.87 6.55
CA VAL A 28 8.67 4.06 7.98
C VAL A 28 7.22 4.42 8.35
N ASP A 29 6.59 3.61 9.20
CA ASP A 29 5.16 3.68 9.52
C ASP A 29 4.39 3.66 8.21
N ASP A 30 3.56 4.65 7.92
CA ASP A 30 2.75 4.64 6.74
C ASP A 30 3.32 5.63 5.72
N THR A 31 4.61 5.94 5.81
CA THR A 31 5.26 6.82 4.82
C THR A 31 6.32 6.11 3.95
N GLN A 32 6.14 6.15 2.65
CA GLN A 32 7.12 5.56 1.75
C GLN A 32 8.34 6.48 1.63
N PHE A 33 9.56 5.94 1.78
CA PHE A 33 10.76 6.77 1.85
C PHE A 33 11.83 6.46 0.81
N VAL A 34 11.80 5.24 0.21
CA VAL A 34 12.72 4.86 -0.79
C VAL A 34 12.05 3.92 -1.75
N ARG A 35 12.65 3.80 -2.95
CA ARG A 35 12.28 2.75 -3.87
C ARG A 35 13.46 2.31 -4.72
N PHE A 36 13.34 1.15 -5.36
CA PHE A 36 14.25 0.68 -6.38
C PHE A 36 13.38 0.03 -7.44
N ASP A 37 13.67 0.25 -8.70
CA ASP A 37 12.91 -0.37 -9.77
C ASP A 37 13.88 -0.88 -10.84
N SER A 38 13.98 -2.21 -10.96
CA SER A 38 14.89 -2.85 -11.89
C SER A 38 14.62 -2.46 -13.33
N ASP A 39 13.46 -1.93 -13.62
CA ASP A 39 13.20 -1.57 -14.99
C ASP A 39 13.63 -0.10 -15.30
N ALA A 40 14.03 0.67 -14.30
CA ALA A 40 14.47 2.07 -14.60
C ALA A 40 15.62 2.05 -15.62
N ARG A 41 15.86 3.17 -16.30
CA ARG A 41 16.96 3.24 -17.30
C ARG A 41 18.32 2.93 -16.66
N ASP A 42 18.57 3.53 -15.50
CA ASP A 42 19.78 3.27 -14.75
C ASP A 42 19.36 2.98 -13.32
N PRO A 43 19.01 1.71 -13.05
CA PRO A 43 18.31 1.43 -11.77
C PRO A 43 19.12 1.86 -10.55
N ARG A 44 18.50 2.61 -9.67
CA ARG A 44 19.12 3.07 -8.48
C ARG A 44 18.11 3.16 -7.39
N THR A 45 18.53 3.00 -6.17
CA THR A 45 17.68 3.31 -5.05
C THR A 45 17.55 4.84 -4.95
N GLU A 46 16.34 5.32 -4.77
CA GLU A 46 15.99 6.73 -4.80
C GLU A 46 15.17 7.11 -3.65
N PRO A 47 15.27 8.38 -3.24
CA PRO A 47 14.49 8.85 -2.13
C PRO A 47 13.07 9.10 -2.62
N ARG A 48 12.11 8.95 -1.72
CA ARG A 48 10.70 9.33 -1.99
C ARG A 48 10.18 10.30 -0.97
N GLN A 49 11.10 10.83 -0.18
CA GLN A 49 10.79 11.92 0.74
C GLN A 49 11.96 12.93 0.72
N PRO A 50 11.63 14.24 0.78
CA PRO A 50 12.68 15.24 0.70
C PRO A 50 13.74 15.12 1.77
N TRP A 51 13.34 14.70 2.99
CA TRP A 51 14.25 14.57 4.11
C TRP A 51 15.26 13.42 4.02
N MET A 52 15.03 12.48 3.10
CA MET A 52 16.07 11.50 2.71
C MET A 52 17.25 12.10 1.97
N GLU A 53 17.14 13.35 1.54
CA GLU A 53 18.31 13.98 0.91
C GLU A 53 19.41 14.23 1.94
N LYS A 54 19.07 14.14 3.20
CA LYS A 54 20.06 14.16 4.25
C LYS A 54 21.10 13.04 4.18
N GLU A 55 20.83 11.96 3.42
CA GLU A 55 21.79 10.84 3.32
C GLU A 55 22.68 11.10 2.15
N GLY A 56 23.94 10.88 2.37
CA GLY A 56 24.95 11.09 1.38
C GLY A 56 25.07 10.02 0.34
N PRO A 57 25.93 10.26 -0.63
CA PRO A 57 26.04 9.37 -1.76
C PRO A 57 26.50 7.94 -1.48
N GLU A 58 27.13 7.67 -0.33
CA GLU A 58 27.44 6.30 0.03
C GLU A 58 26.20 5.50 0.34
N TYR A 59 25.27 6.13 1.04
CA TYR A 59 23.97 5.53 1.36
C TYR A 59 23.29 5.02 0.08
N TRP A 60 23.16 5.90 -0.90
CA TRP A 60 22.51 5.60 -2.21
C TRP A 60 23.21 4.55 -3.00
N ASP A 61 24.54 4.66 -3.05
CA ASP A 61 25.34 3.67 -3.77
C ASP A 61 25.24 2.30 -3.17
N ARG A 62 25.32 2.21 -1.85
CA ARG A 62 25.24 0.95 -1.16
C ARG A 62 23.82 0.36 -1.30
N GLU A 63 22.78 1.16 -1.11
CA GLU A 63 21.39 0.61 -1.20
C GLU A 63 21.23 0.09 -2.65
N THR A 64 21.84 0.78 -3.61
CA THR A 64 21.71 0.44 -5.01
C THR A 64 22.38 -0.89 -5.27
N GLN A 65 23.58 -1.06 -4.71
CA GLN A 65 24.33 -2.26 -4.95
C GLN A 65 23.65 -3.48 -4.35
N ILE A 66 23.10 -3.36 -3.15
CA ILE A 66 22.50 -4.54 -2.61
C ILE A 66 21.18 -4.86 -3.36
N SER A 67 20.49 -3.83 -3.91
CA SER A 67 19.24 -4.01 -4.61
C SER A 67 19.49 -4.79 -5.86
N LYS A 68 20.58 -4.47 -6.54
CA LYS A 68 20.96 -5.20 -7.73
C LYS A 68 21.26 -6.64 -7.45
N GLU A 69 22.00 -6.89 -6.36
CA GLU A 69 22.29 -8.24 -5.98
C GLU A 69 21.00 -9.00 -5.56
N ASN A 70 20.15 -8.35 -4.77
CA ASN A 70 18.82 -8.83 -4.47
C ASN A 70 17.99 -9.25 -5.69
N ALA A 71 18.07 -8.44 -6.75
CA ALA A 71 17.42 -8.76 -8.03
C ALA A 71 17.95 -10.07 -8.56
N LEU A 72 19.28 -10.24 -8.53
CA LEU A 72 19.85 -11.55 -8.97
C LEU A 72 19.41 -12.73 -8.10
N TRP A 73 19.31 -12.50 -6.80
CA TRP A 73 18.94 -13.52 -5.90
C TRP A 73 17.50 -13.98 -6.27
N TYR A 74 16.60 -13.02 -6.46
CA TYR A 74 15.21 -13.28 -6.77
C TYR A 74 15.09 -14.04 -8.11
N ARG A 75 15.97 -13.80 -9.02
CA ARG A 75 15.86 -14.49 -10.27
C ARG A 75 16.04 -16.01 -10.06
N GLU A 76 17.05 -16.35 -9.28
CA GLU A 76 17.33 -17.74 -8.96
C GLU A 76 16.15 -18.33 -8.11
N ALA A 77 15.69 -17.59 -7.14
CA ALA A 77 14.57 -18.06 -6.33
C ALA A 77 13.34 -18.41 -7.17
N LEU A 78 13.01 -17.56 -8.12
CA LEU A 78 11.86 -17.76 -8.97
C LEU A 78 12.04 -19.07 -9.76
N ASN A 79 13.21 -19.27 -10.31
CA ASN A 79 13.50 -20.55 -10.95
C ASN A 79 13.33 -21.77 -10.07
N ASN A 80 13.83 -21.68 -8.84
CA ASN A 80 13.77 -22.81 -7.94
C ASN A 80 12.30 -23.14 -7.58
N LEU A 81 11.56 -22.11 -7.20
CA LEU A 81 10.14 -22.32 -6.89
C LEU A 81 9.36 -22.93 -8.02
N ARG A 82 9.56 -22.49 -9.26
CA ARG A 82 8.89 -23.15 -10.35
C ARG A 82 9.21 -24.68 -10.40
N GLY A 83 10.46 -25.03 -10.10
CA GLY A 83 10.90 -26.42 -10.05
C GLY A 83 10.12 -27.22 -9.01
N TYR A 84 9.99 -26.66 -7.81
CA TYR A 84 9.27 -27.30 -6.76
C TYR A 84 7.84 -27.58 -7.14
N TYR A 85 7.24 -26.72 -7.95
CA TYR A 85 5.83 -26.77 -8.24
C TYR A 85 5.55 -27.34 -9.64
N ASN A 86 6.59 -27.82 -10.29
CA ASN A 86 6.51 -28.29 -11.70
C ASN A 86 5.80 -27.29 -12.60
N GLN A 87 6.20 -26.04 -12.49
CA GLN A 87 5.58 -24.97 -13.26
C GLN A 87 6.51 -24.61 -14.39
N SER A 88 5.92 -24.54 -15.57
CA SER A 88 6.69 -24.23 -16.81
C SER A 88 7.26 -22.78 -16.78
N GLU A 89 8.50 -22.66 -17.27
CA GLU A 89 9.14 -21.33 -17.46
C GLU A 89 8.27 -20.39 -18.35
N ALA A 90 7.36 -20.94 -19.14
CA ALA A 90 6.44 -20.18 -20.03
C ALA A 90 5.45 -19.28 -19.31
N GLY A 91 5.24 -19.50 -18.03
CA GLY A 91 4.24 -18.83 -17.26
C GLY A 91 4.93 -17.90 -16.28
N SER A 92 4.28 -16.77 -16.02
CA SER A 92 4.73 -15.81 -15.01
C SER A 92 4.24 -16.13 -13.55
N HIS A 93 5.14 -15.91 -12.58
CA HIS A 93 4.88 -16.12 -11.16
C HIS A 93 5.43 -14.97 -10.39
N THR A 94 4.96 -14.80 -9.16
CA THR A 94 5.28 -13.69 -8.36
C THR A 94 5.80 -14.14 -6.98
N LEU A 95 6.98 -13.66 -6.63
CA LEU A 95 7.51 -13.80 -5.29
C LEU A 95 7.48 -12.48 -4.61
N GLN A 96 7.00 -12.48 -3.37
CA GLN A 96 6.91 -11.27 -2.56
C GLN A 96 7.53 -11.50 -1.19
N GLU A 97 8.11 -10.44 -0.64
CA GLU A 97 8.75 -10.50 0.67
C GLU A 97 8.46 -9.21 1.41
N MET A 98 8.14 -9.35 2.65
CA MET A 98 8.03 -8.23 3.56
C MET A 98 8.90 -8.52 4.75
N TYR A 99 9.66 -7.53 5.20
CA TYR A 99 10.58 -7.72 6.32
C TYR A 99 10.84 -6.38 7.00
N GLY A 100 11.25 -6.42 8.26
CA GLY A 100 11.64 -5.22 8.98
C GLY A 100 11.44 -5.42 10.45
N CYS A 101 11.36 -4.31 11.18
CA CYS A 101 11.35 -4.30 12.60
C CYS A 101 10.37 -3.30 13.12
N ASP A 102 9.76 -3.64 14.27
CA ASP A 102 8.96 -2.72 15.08
C ASP A 102 9.71 -2.36 16.34
N VAL A 103 9.65 -1.10 16.73
CA VAL A 103 10.30 -0.65 17.98
C VAL A 103 9.28 0.04 18.83
N GLY A 104 9.43 -0.11 20.14
CA GLY A 104 8.49 0.49 21.07
C GLY A 104 8.92 1.91 21.32
N SER A 105 8.13 2.67 22.07
CA SER A 105 8.51 4.04 22.54
C SER A 105 9.85 4.01 23.24
N ASP A 106 10.09 2.95 24.01
CA ASP A 106 11.40 2.77 24.65
C ASP A 106 12.56 2.64 23.67
N GLY A 107 12.31 2.62 22.36
CA GLY A 107 13.36 2.61 21.33
C GLY A 107 14.00 1.26 20.95
N ARG A 108 13.56 0.18 21.61
CA ARG A 108 14.14 -1.16 21.46
C ARG A 108 13.23 -2.10 20.60
N LEU A 109 13.86 -3.10 19.99
CA LEU A 109 13.20 -4.10 19.18
C LEU A 109 12.02 -4.74 19.89
N ARG A 110 10.81 -4.45 19.40
CA ARG A 110 9.64 -5.13 19.91
C ARG A 110 9.30 -6.37 19.09
N ARG A 111 9.52 -6.32 17.78
CA ARG A 111 9.24 -7.50 17.00
C ARG A 111 9.95 -7.41 15.63
N GLY A 112 10.46 -8.54 15.17
CA GLY A 112 11.07 -8.63 13.81
C GLY A 112 10.26 -9.54 12.89
N TYR A 113 10.38 -9.30 11.55
CA TYR A 113 9.47 -9.92 10.55
C TYR A 113 10.32 -10.28 9.40
N GLU A 114 10.06 -11.46 8.79
CA GLU A 114 10.52 -11.80 7.46
C GLU A 114 9.60 -12.88 6.86
N GLN A 115 8.84 -12.51 5.84
CA GLN A 115 7.77 -13.33 5.27
C GLN A 115 7.86 -13.29 3.80
N TYR A 116 7.77 -14.46 3.20
CA TYR A 116 7.66 -14.65 1.79
C TYR A 116 6.26 -15.11 1.39
N GLY A 117 5.83 -14.65 0.21
CA GLY A 117 4.61 -15.02 -0.43
C GLY A 117 4.91 -15.50 -1.82
N TYR A 118 4.19 -16.49 -2.24
CA TYR A 118 4.40 -16.99 -3.63
C TYR A 118 3.03 -17.06 -4.33
N ASP A 119 2.93 -16.43 -5.50
CA ASP A 119 1.65 -16.31 -6.27
C ASP A 119 0.48 -15.95 -5.40
N GLY A 120 0.72 -15.01 -4.50
CA GLY A 120 -0.33 -14.48 -3.64
C GLY A 120 -0.66 -15.22 -2.40
N ARG A 121 0.09 -16.27 -2.04
CA ARG A 121 -0.16 -17.03 -0.84
C ARG A 121 1.05 -17.03 0.08
N ASP A 122 0.84 -17.25 1.39
CA ASP A 122 1.95 -17.43 2.30
C ASP A 122 2.78 -18.60 1.93
N TYR A 123 4.11 -18.42 1.88
CA TYR A 123 4.98 -19.44 1.56
C TYR A 123 5.89 -19.92 2.68
N LEU A 124 6.73 -19.01 3.18
CA LEU A 124 7.73 -19.28 4.19
C LEU A 124 7.85 -18.04 5.04
N ALA A 125 7.87 -18.23 6.35
CA ALA A 125 7.98 -17.12 7.32
C ALA A 125 8.95 -17.41 8.49
N LEU A 126 9.75 -16.41 8.83
CA LEU A 126 10.63 -16.47 9.98
C LEU A 126 9.67 -16.35 11.22
N ASN A 127 9.78 -17.23 12.18
CA ASN A 127 8.93 -17.10 13.38
C ASN A 127 9.37 -15.95 14.28
N GLU A 128 8.46 -15.55 15.15
CA GLU A 128 8.74 -14.51 16.12
C GLU A 128 9.99 -14.79 16.99
N ASP A 129 10.35 -16.04 17.20
CA ASP A 129 11.61 -16.36 17.94
C ASP A 129 12.89 -15.98 17.15
N LEU A 130 12.76 -15.63 15.87
CA LEU A 130 13.86 -15.21 15.02
C LEU A 130 14.92 -16.26 14.90
N ARG A 131 14.54 -17.53 15.05
CA ARG A 131 15.46 -18.62 14.85
C ARG A 131 14.84 -19.86 14.25
N SER A 132 13.56 -19.86 13.99
CA SER A 132 12.93 -21.04 13.38
C SER A 132 11.96 -20.49 12.28
N TRP A 133 11.57 -21.36 11.37
CA TRP A 133 10.74 -21.02 10.27
C TRP A 133 9.47 -21.87 10.14
N THR A 134 8.45 -21.29 9.50
CA THR A 134 7.17 -21.95 9.19
C THR A 134 6.98 -21.98 7.71
N ALA A 135 6.84 -23.22 7.21
CA ALA A 135 6.70 -23.50 5.80
C ALA A 135 5.21 -23.86 5.54
N ALA A 136 4.63 -23.28 4.50
CA ALA A 136 3.22 -23.46 4.19
C ALA A 136 2.90 -24.82 3.57
N ASP A 137 3.87 -25.53 2.98
CA ASP A 137 3.63 -26.78 2.26
C ASP A 137 4.96 -27.49 2.04
N THR A 138 5.01 -28.56 1.24
CA THR A 138 6.30 -29.29 1.11
C THR A 138 7.37 -28.59 0.25
N ALA A 139 6.98 -27.77 -0.74
CA ALA A 139 7.89 -26.91 -1.46
C ALA A 139 8.59 -25.99 -0.45
N ALA A 140 7.82 -25.28 0.35
CA ALA A 140 8.38 -24.38 1.32
C ALA A 140 9.20 -25.12 2.37
N GLN A 141 8.92 -26.40 2.61
CA GLN A 141 9.78 -27.19 3.50
C GLN A 141 11.21 -27.39 2.92
N ILE A 142 11.31 -27.52 1.60
CA ILE A 142 12.61 -27.49 0.92
C ILE A 142 13.34 -26.17 1.17
N SER A 143 12.64 -25.05 0.95
CA SER A 143 13.22 -23.74 1.28
C SER A 143 13.58 -23.63 2.74
N LYS A 144 12.72 -24.11 3.66
CA LYS A 144 13.01 -24.09 5.07
C LYS A 144 14.31 -24.85 5.41
N ARG A 145 14.45 -26.05 4.88
CA ARG A 145 15.68 -26.86 5.08
C ARG A 145 16.91 -26.13 4.58
N LYS A 146 16.84 -25.54 3.39
CA LYS A 146 17.93 -24.68 2.87
C LYS A 146 18.25 -23.54 3.80
N MET A 147 17.26 -22.84 4.31
CA MET A 147 17.53 -21.72 5.23
C MET A 147 18.20 -22.18 6.57
N GLU A 148 17.76 -23.33 7.03
CA GLU A 148 18.33 -23.95 8.23
C GLU A 148 19.78 -24.37 7.98
N ALA A 149 20.06 -25.00 6.82
CA ALA A 149 21.41 -25.48 6.54
C ALA A 149 22.35 -24.31 6.33
N ALA A 150 21.82 -23.20 5.79
CA ALA A 150 22.63 -22.02 5.57
C ALA A 150 22.82 -21.14 6.79
N GLY A 151 22.06 -21.44 7.84
CA GLY A 151 21.96 -20.55 8.99
C GLY A 151 21.42 -19.14 8.80
N ALA A 152 20.52 -18.98 7.85
CA ALA A 152 20.03 -17.68 7.41
C ALA A 152 19.45 -16.91 8.56
N ALA A 153 18.74 -17.61 9.40
CA ALA A 153 18.03 -16.89 10.50
C ALA A 153 18.99 -16.08 11.33
N GLU A 154 20.20 -16.62 11.57
CA GLU A 154 21.16 -15.94 12.47
C GLU A 154 21.55 -14.57 11.92
N ARG A 155 21.87 -14.53 10.64
CA ARG A 155 22.24 -13.30 10.00
C ARG A 155 21.10 -12.31 9.98
N PHE A 156 19.89 -12.78 9.76
CA PHE A 156 18.77 -11.88 9.76
C PHE A 156 18.45 -11.34 11.16
N ARG A 157 18.51 -12.22 12.14
CA ARG A 157 18.35 -11.78 13.55
C ARG A 157 19.36 -10.68 13.90
N ASN A 158 20.62 -10.82 13.50
CA ASN A 158 21.65 -9.80 13.78
C ASN A 158 21.26 -8.43 13.14
N TYR A 159 20.71 -8.48 11.93
CA TYR A 159 20.27 -7.25 11.26
C TYR A 159 19.18 -6.55 12.03
N LEU A 160 18.18 -7.32 12.39
CA LEU A 160 17.04 -6.83 13.09
C LEU A 160 17.37 -6.16 14.43
N GLU A 161 18.25 -6.82 15.18
CA GLU A 161 18.56 -6.40 16.54
C GLU A 161 19.52 -5.23 16.50
N GLY A 162 20.24 -5.04 15.40
CA GLY A 162 21.19 -3.96 15.32
C GLY A 162 20.80 -2.95 14.27
N THR A 163 21.35 -3.15 13.08
CA THR A 163 21.08 -2.28 11.92
C THR A 163 19.61 -1.79 11.77
N CYS A 164 18.65 -2.71 11.80
CA CYS A 164 17.26 -2.33 11.53
C CYS A 164 16.79 -1.29 12.54
N VAL A 165 16.91 -1.63 13.83
CA VAL A 165 16.44 -0.78 14.90
C VAL A 165 17.20 0.56 14.92
N GLU A 166 18.49 0.52 14.58
CA GLU A 166 19.33 1.71 14.60
C GLU A 166 18.99 2.64 13.47
N TRP A 167 18.86 2.12 12.26
CA TRP A 167 18.40 2.97 11.19
C TRP A 167 17.01 3.52 11.32
N LEU A 168 16.07 2.78 11.85
CA LEU A 168 14.74 3.32 12.04
C LEU A 168 14.81 4.53 12.96
N ARG A 169 15.58 4.42 14.05
CA ARG A 169 15.83 5.59 14.94
C ARG A 169 16.36 6.80 14.13
N ARG A 170 17.34 6.57 13.29
CA ARG A 170 17.85 7.63 12.49
C ARG A 170 16.82 8.25 11.54
N TYR A 171 15.97 7.41 10.90
CA TYR A 171 15.03 7.92 9.92
C TYR A 171 14.00 8.74 10.64
N LEU A 172 13.65 8.28 11.83
CA LEU A 172 12.66 8.93 12.66
C LEU A 172 13.13 10.34 13.09
N GLU A 173 14.44 10.49 13.30
CA GLU A 173 15.03 11.79 13.59
C GLU A 173 15.12 12.65 12.31
N ASN A 174 15.72 12.13 11.25
CA ASN A 174 15.81 12.91 9.99
C ASN A 174 14.48 13.36 9.36
N GLY A 175 13.40 12.60 9.56
CA GLY A 175 12.10 12.98 9.04
C GLY A 175 11.10 13.30 10.14
N LYS A 176 11.59 13.79 11.27
CA LYS A 176 10.74 14.02 12.44
C LYS A 176 9.47 14.83 12.13
N ASP A 177 9.58 15.85 11.30
CA ASP A 177 8.41 16.67 10.93
C ASP A 177 7.31 15.93 10.17
N THR A 178 7.70 15.16 9.19
CA THR A 178 6.83 14.23 8.49
C THR A 178 6.35 13.10 9.42
N LEU A 179 7.28 12.41 10.08
CA LEU A 179 7.00 11.09 10.63
C LEU A 179 6.39 11.11 11.98
N LEU A 180 6.69 12.12 12.79
CA LEU A 180 6.20 12.09 14.15
C LEU A 180 4.92 12.90 14.35
N ARG A 181 4.24 13.22 13.26
CA ARG A 181 3.01 13.96 13.32
C ARG A 181 1.82 13.03 13.44
N ALA A 182 0.72 13.54 13.98
CA ALA A 182 -0.56 12.83 14.03
C ALA A 182 -1.54 13.84 13.55
N ASP A 183 -1.84 13.87 12.25
CA ASP A 183 -2.75 14.86 11.66
C ASP A 183 -4.15 14.29 11.73
N PRO A 184 -5.02 14.92 12.52
CA PRO A 184 -6.38 14.42 12.67
C PRO A 184 -7.16 14.59 11.38
N PRO A 185 -8.15 13.72 11.17
CA PRO A 185 -8.96 13.93 9.97
C PRO A 185 -9.81 15.22 10.08
N LYS A 186 -10.00 15.95 9.01
CA LYS A 186 -11.11 16.92 8.92
C LYS A 186 -12.31 16.11 8.46
N ALA A 187 -13.39 16.14 9.25
CA ALA A 187 -14.53 15.27 8.98
C ALA A 187 -15.82 16.07 8.75
N HIS A 188 -16.63 15.59 7.84
CA HIS A 188 -17.97 16.14 7.65
C HIS A 188 -18.90 15.12 7.01
N VAL A 189 -20.23 15.29 7.23
CA VAL A 189 -21.25 14.44 6.64
C VAL A 189 -21.85 15.21 5.48
N THR A 190 -21.97 14.57 4.33
CA THR A 190 -22.66 15.17 3.22
C THR A 190 -23.92 14.38 2.86
N ARG A 191 -24.89 15.07 2.27
CA ARG A 191 -26.20 14.51 1.95
C ARG A 191 -26.38 14.32 0.44
N HIS A 192 -26.92 13.16 0.06
CA HIS A 192 -27.10 12.77 -1.32
C HIS A 192 -28.45 12.09 -1.50
N PRO A 193 -29.47 12.86 -1.85
CA PRO A 193 -30.84 12.39 -1.93
C PRO A 193 -31.10 11.72 -3.26
N SER A 194 -31.37 10.43 -3.25
CA SER A 194 -31.86 9.76 -4.49
C SER A 194 -33.33 10.14 -4.85
N SER A 195 -34.20 10.08 -3.83
CA SER A 195 -35.60 10.39 -3.93
C SER A 195 -36.02 11.17 -2.67
N GLU A 196 -37.33 11.50 -2.64
CA GLU A 196 -37.98 12.20 -1.51
C GLU A 196 -38.14 11.29 -0.29
N HIS A 197 -37.91 9.98 -0.46
CA HIS A 197 -38.08 8.99 0.61
C HIS A 197 -36.74 8.51 1.19
N GLU A 198 -35.70 8.46 0.36
CA GLU A 198 -34.41 7.91 0.78
C GLU A 198 -33.23 8.85 0.50
N VAL A 199 -32.31 8.99 1.47
CA VAL A 199 -31.13 9.78 1.19
C VAL A 199 -29.92 9.02 1.69
N THR A 200 -28.80 9.16 0.98
CA THR A 200 -27.54 8.62 1.42
C THR A 200 -26.77 9.69 2.17
N LEU A 201 -26.40 9.40 3.40
CA LEU A 201 -25.45 10.21 4.12
C LEU A 201 -24.05 9.65 3.97
N ARG A 202 -23.10 10.51 3.60
CA ARG A 202 -21.69 10.10 3.50
C ARG A 202 -20.82 10.85 4.49
N CYS A 203 -20.25 10.11 5.43
CA CYS A 203 -19.32 10.61 6.40
C CYS A 203 -17.88 10.54 5.86
N TRP A 204 -17.29 11.70 5.62
CA TRP A 204 -15.97 11.86 5.01
C TRP A 204 -14.91 12.18 6.10
N ALA A 205 -13.70 11.60 6.00
CA ALA A 205 -12.57 11.91 6.84
C ALA A 205 -11.41 12.16 5.86
N LEU A 206 -10.84 13.35 5.89
CA LEU A 206 -9.83 13.77 4.89
C LEU A 206 -8.60 14.27 5.59
N GLY A 207 -7.45 14.15 4.90
CA GLY A 207 -6.19 14.73 5.36
C GLY A 207 -5.52 14.15 6.60
N PHE A 208 -5.78 12.91 6.93
CA PHE A 208 -5.31 12.30 8.16
C PHE A 208 -4.08 11.43 7.96
N TYR A 209 -3.30 11.33 9.04
CA TYR A 209 -2.02 10.60 9.15
C TYR A 209 -1.78 10.30 10.64
N PRO A 210 -1.50 9.02 11.01
CA PRO A 210 -1.29 7.87 10.11
C PRO A 210 -2.60 7.24 9.59
N GLU A 211 -2.48 6.08 8.93
CA GLU A 211 -3.57 5.53 8.15
C GLU A 211 -4.74 5.00 8.97
N GLU A 212 -4.45 4.40 10.12
CA GLU A 212 -5.42 3.78 10.92
C GLU A 212 -6.48 4.81 11.34
N ILE A 213 -7.75 4.43 11.19
CA ILE A 213 -8.90 5.27 11.50
C ILE A 213 -10.13 4.39 11.71
N SER A 214 -11.02 4.84 12.58
CA SER A 214 -12.32 4.21 12.71
C SER A 214 -13.46 5.19 12.32
N LEU A 215 -14.23 4.82 11.29
CA LEU A 215 -15.51 5.47 10.91
C LEU A 215 -16.66 4.54 11.18
N THR A 216 -17.62 4.92 12.05
CA THR A 216 -18.82 4.10 12.27
C THR A 216 -20.04 5.02 12.29
N TRP A 217 -21.19 4.45 12.00
CA TRP A 217 -22.43 5.16 12.02
C TRP A 217 -23.26 4.63 13.20
N GLN A 218 -23.97 5.52 13.87
CA GLN A 218 -24.93 5.10 14.93
C GLN A 218 -26.30 5.77 14.74
N ARG A 219 -27.38 5.10 15.16
CA ARG A 219 -28.70 5.70 15.17
C ARG A 219 -29.09 6.11 16.58
N ASN A 220 -28.99 5.21 17.57
CA ASN A 220 -29.37 5.60 18.96
C ASN A 220 -28.56 4.78 19.92
N GLY A 221 -27.24 5.00 19.89
CA GLY A 221 -26.32 4.14 20.62
C GLY A 221 -26.28 2.77 19.95
N GLU A 222 -26.92 2.68 18.77
CA GLU A 222 -27.06 1.43 18.03
C GLU A 222 -26.25 1.52 16.76
N ASP A 223 -25.30 0.59 16.65
CA ASP A 223 -24.29 0.56 15.57
C ASP A 223 -24.85 0.15 14.19
N GLN A 224 -24.56 0.90 13.16
CA GLN A 224 -25.16 0.58 11.88
C GLN A 224 -24.30 -0.19 10.87
N THR A 225 -23.20 -0.83 11.27
CA THR A 225 -22.29 -1.41 10.27
C THR A 225 -22.86 -2.44 9.32
N GLN A 226 -23.96 -3.06 9.67
CA GLN A 226 -24.58 -3.95 8.74
C GLN A 226 -25.23 -3.23 7.57
N ASP A 227 -25.55 -1.96 7.68
CA ASP A 227 -26.15 -1.30 6.51
C ASP A 227 -25.24 -0.32 5.77
N MET A 228 -24.10 -0.05 6.36
CA MET A 228 -23.21 0.98 5.86
C MET A 228 -22.24 0.47 4.77
N GLU A 229 -21.89 1.35 3.84
CA GLU A 229 -20.79 1.08 2.90
C GLU A 229 -19.56 1.77 3.44
N LEU A 230 -18.55 1.00 3.81
CA LEU A 230 -17.27 1.52 4.24
C LEU A 230 -16.17 1.33 3.19
N VAL A 231 -15.68 2.40 2.56
CA VAL A 231 -14.67 2.18 1.51
C VAL A 231 -13.31 1.96 2.10
N GLU A 232 -12.45 1.30 1.36
CA GLU A 232 -11.09 1.09 1.84
C GLU A 232 -10.42 2.48 1.90
N THR A 233 -9.59 2.64 2.91
CA THR A 233 -8.83 3.88 3.06
C THR A 233 -7.94 4.13 1.86
N ARG A 234 -7.88 5.36 1.42
CA ARG A 234 -7.17 5.65 0.20
C ARG A 234 -6.19 6.81 0.44
N PRO A 235 -5.13 6.86 -0.37
CA PRO A 235 -4.14 7.93 -0.25
C PRO A 235 -4.60 9.26 -0.87
N SER A 236 -4.24 10.37 -0.24
CA SER A 236 -4.51 11.70 -0.80
C SER A 236 -3.64 11.94 -2.04
N GLY A 237 -2.47 11.31 -2.07
CA GLY A 237 -1.46 11.58 -3.08
C GLY A 237 -0.34 12.49 -2.55
N ASP A 238 -0.55 13.07 -1.34
CA ASP A 238 0.44 13.96 -0.77
C ASP A 238 0.89 13.60 0.62
N GLY A 239 0.69 12.34 1.01
CA GLY A 239 1.25 11.78 2.23
C GLY A 239 0.25 11.57 3.31
N ASN A 240 -1.00 11.84 3.00
CA ASN A 240 -2.10 11.64 3.93
C ASN A 240 -3.09 10.64 3.38
N PHE A 241 -4.14 10.43 4.13
CA PHE A 241 -5.18 9.46 3.78
C PHE A 241 -6.59 10.05 3.79
N GLN A 242 -7.53 9.29 3.24
CA GLN A 242 -8.93 9.69 3.05
C GLN A 242 -9.80 8.47 3.20
N LYS A 243 -11.01 8.63 3.74
CA LYS A 243 -11.94 7.49 3.86
C LYS A 243 -13.33 8.04 4.03
N TRP A 244 -14.34 7.25 3.68
CA TRP A 244 -15.71 7.56 3.96
C TRP A 244 -16.54 6.34 4.19
N ALA A 245 -17.64 6.61 4.92
CA ALA A 245 -18.64 5.63 5.32
C ALA A 245 -20.02 6.21 4.98
N ALA A 246 -20.85 5.47 4.24
CA ALA A 246 -22.14 5.97 3.75
C ALA A 246 -23.24 5.05 4.18
N LEU A 247 -24.39 5.60 4.46
CA LEU A 247 -25.56 4.79 4.71
C LEU A 247 -26.83 5.45 4.23
N VAL A 248 -27.77 4.62 3.84
CA VAL A 248 -28.99 5.09 3.31
C VAL A 248 -29.95 5.23 4.52
N VAL A 249 -30.62 6.37 4.60
CA VAL A 249 -31.56 6.67 5.67
C VAL A 249 -32.83 7.28 5.06
N PRO A 250 -33.94 7.26 5.82
CA PRO A 250 -35.19 7.88 5.32
C PRO A 250 -35.09 9.40 5.33
N SER A 251 -35.59 10.02 4.27
CA SER A 251 -35.66 11.50 4.21
C SER A 251 -36.43 11.99 5.42
N GLY A 252 -35.91 13.04 6.04
CA GLY A 252 -36.45 13.66 7.20
C GLY A 252 -35.97 13.06 8.52
N GLU A 253 -35.18 12.00 8.48
CA GLU A 253 -34.62 11.42 9.71
C GLU A 253 -33.11 11.57 9.84
N GLU A 254 -32.55 12.47 9.02
CA GLU A 254 -31.08 12.62 8.95
C GLU A 254 -30.47 12.85 10.32
N GLN A 255 -31.19 13.51 11.22
CA GLN A 255 -30.61 13.96 12.48
C GLN A 255 -30.61 12.87 13.54
N ARG A 256 -31.23 11.74 13.24
CA ARG A 256 -31.18 10.56 14.09
C ARG A 256 -29.85 9.82 14.00
N TYR A 257 -29.03 10.12 12.98
CA TYR A 257 -27.83 9.36 12.66
C TYR A 257 -26.58 10.17 12.93
N THR A 258 -25.59 9.57 13.60
CA THR A 258 -24.32 10.21 13.92
C THR A 258 -23.15 9.41 13.36
N CYS A 259 -22.13 10.13 12.91
CA CYS A 259 -20.92 9.51 12.45
C CYS A 259 -19.90 9.72 13.55
N ARG A 260 -19.22 8.66 13.91
CA ARG A 260 -18.17 8.67 14.90
C ARG A 260 -16.83 8.41 14.26
N VAL A 261 -15.92 9.34 14.42
CA VAL A 261 -14.58 9.22 13.87
C VAL A 261 -13.56 9.13 15.02
N GLN A 262 -12.74 8.10 15.01
CA GLN A 262 -11.68 7.90 15.98
C GLN A 262 -10.37 7.83 15.27
N HIS A 263 -9.39 8.56 15.77
CA HIS A 263 -8.10 8.64 15.15
C HIS A 263 -7.10 9.14 16.17
N GLU A 264 -5.84 8.74 16.01
CA GLU A 264 -4.75 9.01 16.95
C GLU A 264 -4.49 10.51 17.09
N GLY A 265 -4.75 11.29 16.03
CA GLY A 265 -4.58 12.76 16.11
C GLY A 265 -5.73 13.49 16.82
N LEU A 266 -6.77 12.77 17.21
CA LEU A 266 -7.95 13.37 17.88
C LEU A 266 -7.82 13.17 19.39
N GLN A 267 -8.06 14.24 20.16
CA GLN A 267 -8.08 14.17 21.62
C GLN A 267 -9.24 13.28 22.12
N GLU A 268 -10.38 13.42 21.44
CA GLU A 268 -11.58 12.63 21.71
C GLU A 268 -12.16 12.23 20.33
N PRO A 269 -12.92 11.14 20.26
CA PRO A 269 -13.64 10.84 19.01
C PRO A 269 -14.56 11.99 18.54
N LEU A 270 -14.64 12.26 17.24
CA LEU A 270 -15.58 13.21 16.72
C LEU A 270 -16.93 12.51 16.62
N THR A 271 -18.01 13.24 16.83
CA THR A 271 -19.34 12.71 16.62
C THR A 271 -20.01 13.76 15.76
N LEU A 272 -20.47 13.40 14.57
CA LEU A 272 -20.94 14.41 13.59
C LEU A 272 -22.29 14.00 13.05
N ARG A 273 -23.07 15.00 12.62
CA ARG A 273 -24.35 14.79 11.95
C ARG A 273 -24.39 15.64 10.73
N TRP A 274 -25.27 15.30 9.79
CA TRP A 274 -25.41 16.10 8.62
C TRP A 274 -25.96 17.45 9.07
N GLU A 275 -25.34 18.52 8.56
CA GLU A 275 -25.71 19.87 8.93
C GLU A 275 -26.08 20.71 7.67
N PRO A 276 -27.35 21.12 7.58
CA PRO A 276 -27.81 22.11 6.61
C PRO A 276 -26.78 23.23 6.39
N GLY A 277 -26.48 23.53 5.11
CA GLY A 277 -25.42 24.51 4.72
C GLY A 277 -23.97 24.00 4.77
N ALA B 1 -3.12 -20.40 -8.92
CA ALA B 1 -4.53 -20.14 -9.34
C ALA B 1 -5.17 -18.95 -8.56
N ILE B 2 -4.37 -18.17 -7.79
CA ILE B 2 -4.95 -17.01 -7.01
C ILE B 2 -4.99 -15.75 -7.88
N GLN B 3 -6.20 -15.32 -8.20
CA GLN B 3 -6.44 -14.17 -9.06
C GLN B 3 -7.52 -13.35 -8.36
N ARG B 4 -7.16 -12.16 -7.95
CA ARG B 4 -8.06 -11.28 -7.23
C ARG B 4 -8.23 -10.06 -8.11
N PRO B 5 -9.48 -9.68 -8.35
CA PRO B 5 -9.73 -8.56 -9.24
C PRO B 5 -9.41 -7.24 -8.51
N PRO B 6 -9.12 -6.20 -9.25
CA PRO B 6 -8.87 -4.91 -8.62
C PRO B 6 -10.11 -4.23 -8.12
N LYS B 7 -10.00 -3.52 -7.02
CA LYS B 7 -10.98 -2.54 -6.66
C LYS B 7 -10.45 -1.19 -7.07
N ILE B 8 -11.35 -0.26 -7.40
CA ILE B 8 -11.00 1.01 -8.04
C ILE B 8 -11.77 2.10 -7.32
N GLN B 9 -11.09 3.11 -6.83
CA GLN B 9 -11.67 4.43 -6.53
C GLN B 9 -11.07 5.56 -7.43
N VAL B 10 -11.94 6.37 -8.02
CA VAL B 10 -11.58 7.60 -8.77
C VAL B 10 -12.02 8.86 -8.05
N TYR B 11 -11.07 9.77 -7.86
CA TYR B 11 -11.34 10.90 -6.98
C TYR B 11 -10.29 12.01 -7.14
N SER B 12 -10.68 13.24 -6.76
CA SER B 12 -9.74 14.35 -6.76
C SER B 12 -9.10 14.42 -5.41
N ARG B 13 -7.83 14.88 -5.36
CA ARG B 13 -7.19 15.02 -4.06
C ARG B 13 -8.03 15.91 -3.16
N HIS B 14 -8.47 17.08 -3.67
CA HIS B 14 -9.16 18.08 -2.81
C HIS B 14 -10.58 18.16 -3.32
N PRO B 15 -11.49 18.68 -2.47
CA PRO B 15 -12.86 18.92 -2.92
C PRO B 15 -12.84 19.78 -4.18
N PRO B 16 -13.57 19.35 -5.21
CA PRO B 16 -13.27 19.91 -6.51
C PRO B 16 -13.99 21.25 -6.69
N GLU B 17 -13.37 22.19 -7.38
CA GLU B 17 -14.07 23.43 -7.80
C GLU B 17 -13.50 23.99 -9.09
N ASP B 18 -14.42 24.31 -9.98
CA ASP B 18 -14.10 24.81 -11.30
C ASP B 18 -13.07 25.92 -11.29
N GLY B 19 -12.11 25.78 -12.19
CA GLY B 19 -10.99 26.72 -12.35
C GLY B 19 -9.94 26.69 -11.26
N LYS B 20 -10.10 25.82 -10.27
CA LYS B 20 -9.09 25.61 -9.22
C LYS B 20 -8.24 24.34 -9.53
N PRO B 21 -6.92 24.53 -9.68
CA PRO B 21 -6.05 23.36 -9.92
C PRO B 21 -6.19 22.28 -8.83
N ASN B 22 -5.98 21.02 -9.22
CA ASN B 22 -6.27 19.94 -8.30
C ASN B 22 -5.50 18.73 -8.81
N TYR B 23 -5.75 17.57 -8.22
CA TYR B 23 -5.08 16.35 -8.64
C TYR B 23 -6.12 15.28 -8.78
N LEU B 24 -6.09 14.59 -9.90
CA LEU B 24 -7.02 13.48 -10.14
C LEU B 24 -6.30 12.13 -9.82
N ASN B 25 -6.95 11.29 -9.03
CA ASN B 25 -6.38 10.02 -8.50
C ASN B 25 -7.27 8.85 -8.88
N CYS B 26 -6.65 7.76 -9.27
CA CYS B 26 -7.32 6.54 -9.47
C CYS B 26 -6.51 5.56 -8.61
N TYR B 27 -7.07 5.13 -7.48
CA TYR B 27 -6.46 4.17 -6.58
C TYR B 27 -6.98 2.77 -6.93
N VAL B 28 -6.06 1.82 -7.20
CA VAL B 28 -6.45 0.51 -7.70
C VAL B 28 -5.74 -0.47 -6.78
N TYR B 29 -6.49 -1.37 -6.15
CA TYR B 29 -5.97 -2.12 -5.02
C TYR B 29 -6.69 -3.49 -4.92
N GLY B 30 -6.12 -4.40 -4.13
CA GLY B 30 -6.62 -5.71 -3.86
C GLY B 30 -6.40 -6.73 -4.93
N PHE B 31 -5.55 -6.39 -5.88
CA PHE B 31 -5.40 -7.24 -7.02
C PHE B 31 -4.19 -8.18 -6.99
N HIS B 32 -4.30 -9.25 -7.78
CA HIS B 32 -3.23 -10.22 -7.94
C HIS B 32 -3.65 -11.01 -9.18
N PRO B 33 -2.73 -11.27 -10.08
CA PRO B 33 -1.32 -10.87 -10.08
C PRO B 33 -1.02 -9.39 -10.38
N PRO B 34 0.27 -8.97 -10.34
CA PRO B 34 0.58 -7.57 -10.35
C PRO B 34 0.50 -6.88 -11.71
N GLN B 35 0.59 -7.63 -12.81
CA GLN B 35 0.46 -7.01 -14.10
C GLN B 35 -0.92 -6.35 -14.29
N ILE B 36 -0.91 -5.07 -14.67
CA ILE B 36 -2.09 -4.24 -14.69
C ILE B 36 -1.82 -2.99 -15.48
N GLU B 37 -2.87 -2.51 -16.17
CA GLU B 37 -2.77 -1.27 -16.87
C GLU B 37 -3.84 -0.32 -16.37
N ILE B 38 -3.43 0.90 -16.07
CA ILE B 38 -4.28 1.87 -15.40
C ILE B 38 -4.12 3.17 -16.16
N ASP B 39 -5.22 3.61 -16.80
CA ASP B 39 -5.20 4.85 -17.62
C ASP B 39 -6.22 5.83 -17.11
N LEU B 40 -5.80 7.07 -16.92
CA LEU B 40 -6.72 8.16 -16.63
C LEU B 40 -7.23 8.70 -18.02
N LEU B 41 -8.54 8.83 -18.14
CA LEU B 41 -9.21 9.31 -19.36
C LEU B 41 -9.82 10.68 -19.11
N LYS B 42 -9.75 11.55 -20.12
CA LYS B 42 -10.51 12.85 -20.08
C LYS B 42 -11.43 12.84 -21.25
N ASN B 43 -12.72 12.94 -21.02
CA ASN B 43 -13.70 12.74 -22.08
C ASN B 43 -13.39 11.49 -22.93
N GLY B 44 -13.07 10.37 -22.27
CA GLY B 44 -12.89 9.09 -22.99
C GLY B 44 -11.56 8.85 -23.68
N GLU B 45 -10.62 9.78 -23.55
CA GLU B 45 -9.30 9.67 -24.18
C GLU B 45 -8.20 9.76 -23.10
N LYS B 46 -7.11 9.04 -23.34
CA LYS B 46 -6.03 8.89 -22.36
C LYS B 46 -5.32 10.23 -22.16
N ILE B 47 -5.18 10.64 -20.91
CA ILE B 47 -4.31 11.74 -20.56
C ILE B 47 -3.05 11.19 -19.88
N LYS B 48 -2.02 12.04 -19.82
CA LYS B 48 -0.71 11.75 -19.25
C LYS B 48 -0.93 11.58 -17.75
N SER B 49 -0.32 10.55 -17.18
CA SER B 49 -0.40 10.39 -15.72
C SER B 49 0.85 9.77 -15.20
N GLU B 50 1.05 9.86 -13.90
CA GLU B 50 2.15 9.17 -13.23
C GLU B 50 1.57 8.06 -12.33
N GLN B 51 2.37 7.05 -12.03
CA GLN B 51 1.91 5.91 -11.22
C GLN B 51 2.89 5.64 -10.09
N SER B 52 2.35 5.34 -8.90
CA SER B 52 3.15 5.04 -7.72
C SER B 52 3.86 3.71 -7.86
N ASP B 53 4.79 3.48 -6.93
CA ASP B 53 5.71 2.34 -6.97
C ASP B 53 4.92 1.14 -6.48
N LEU B 54 5.05 0.01 -7.15
CA LEU B 54 4.29 -1.21 -6.78
C LEU B 54 4.54 -1.58 -5.31
N SER B 55 3.46 -1.72 -4.59
CA SER B 55 3.50 -2.09 -3.21
C SER B 55 2.35 -3.04 -2.87
N PHE B 56 2.30 -3.56 -1.66
CA PHE B 56 1.30 -4.53 -1.34
C PHE B 56 0.93 -4.61 0.08
N SER B 57 -0.23 -5.18 0.29
CA SER B 57 -0.83 -5.25 1.58
C SER B 57 -0.57 -6.56 2.28
N LYS B 58 -1.09 -6.70 3.49
CA LYS B 58 -0.79 -7.85 4.30
C LYS B 58 -1.21 -9.21 3.70
N ASP B 59 -2.21 -9.21 2.83
CA ASP B 59 -2.70 -10.44 2.20
C ASP B 59 -2.06 -10.65 0.85
N TRP B 60 -0.97 -9.95 0.67
CA TRP B 60 -0.16 -9.98 -0.58
C TRP B 60 -0.76 -9.24 -1.73
N SER B 61 -1.96 -8.70 -1.61
CA SER B 61 -2.59 -8.08 -2.75
C SER B 61 -1.91 -6.71 -3.02
N PHE B 62 -1.84 -6.31 -4.29
CA PHE B 62 -1.16 -5.10 -4.65
C PHE B 62 -2.05 -3.86 -4.69
N TYR B 63 -1.42 -2.70 -4.61
CA TYR B 63 -2.05 -1.41 -4.75
C TYR B 63 -1.10 -0.43 -5.48
N LEU B 64 -1.74 0.42 -6.30
CA LEU B 64 -1.16 1.49 -7.06
C LEU B 64 -2.07 2.71 -7.11
N LEU B 65 -1.46 3.89 -7.13
CA LEU B 65 -2.14 5.14 -7.39
C LEU B 65 -1.63 5.72 -8.69
N SER B 66 -2.58 6.03 -9.57
CA SER B 66 -2.37 6.68 -10.82
C SER B 66 -2.91 8.08 -10.65
N HIS B 67 -2.08 9.06 -10.98
CA HIS B 67 -2.44 10.45 -10.67
C HIS B 67 -1.96 11.48 -11.69
N ALA B 68 -2.69 12.56 -11.79
CA ALA B 68 -2.38 13.66 -12.75
C ALA B 68 -2.92 14.94 -12.16
N GLU B 69 -2.14 16.02 -12.32
CA GLU B 69 -2.65 17.38 -12.03
C GLU B 69 -3.69 17.71 -13.08
N PHE B 70 -4.75 18.36 -12.64
CA PHE B 70 -5.83 18.79 -13.55
C PHE B 70 -6.57 19.97 -13.01
N THR B 71 -7.25 20.68 -13.90
CA THR B 71 -8.09 21.80 -13.44
C THR B 71 -9.53 21.51 -13.76
N PRO B 72 -10.29 21.11 -12.76
CA PRO B 72 -11.65 20.73 -13.11
C PRO B 72 -12.43 21.94 -13.76
N ASN B 73 -13.50 21.64 -14.47
CA ASN B 73 -14.40 22.67 -15.00
C ASN B 73 -15.75 22.04 -15.34
N SER B 74 -16.70 22.88 -15.68
CA SER B 74 -18.05 22.39 -15.76
C SER B 74 -18.22 21.35 -16.89
N LYS B 75 -17.37 21.34 -17.90
CA LYS B 75 -17.60 20.47 -19.09
C LYS B 75 -16.87 19.12 -19.05
N ASP B 76 -15.60 19.16 -18.65
CA ASP B 76 -14.73 17.98 -18.79
C ASP B 76 -15.19 16.82 -17.87
N GLN B 77 -15.35 15.64 -18.48
CA GLN B 77 -15.67 14.39 -17.78
C GLN B 77 -14.35 13.59 -17.58
N TYR B 78 -14.19 12.97 -16.42
CA TYR B 78 -12.98 12.14 -16.20
C TYR B 78 -13.31 10.73 -15.83
N SER B 79 -12.40 9.83 -16.19
CA SER B 79 -12.57 8.45 -15.75
C SER B 79 -11.21 7.71 -15.67
N CYS B 80 -11.25 6.49 -15.12
CA CYS B 80 -10.09 5.63 -15.07
C CYS B 80 -10.42 4.29 -15.69
N ARG B 81 -9.53 3.83 -16.55
CA ARG B 81 -9.69 2.57 -17.24
C ARG B 81 -8.60 1.57 -16.75
N VAL B 82 -9.06 0.40 -16.36
CA VAL B 82 -8.19 -0.61 -15.85
C VAL B 82 -8.30 -1.87 -16.63
N LYS B 83 -7.14 -2.42 -17.01
CA LYS B 83 -7.09 -3.75 -17.64
C LYS B 83 -6.33 -4.74 -16.76
N HIS B 84 -6.92 -5.91 -16.53
CA HIS B 84 -6.26 -6.96 -15.76
C HIS B 84 -6.74 -8.33 -16.18
N VAL B 85 -5.90 -9.36 -15.94
CA VAL B 85 -6.25 -10.69 -16.29
C VAL B 85 -7.60 -11.11 -15.78
N THR B 86 -8.04 -10.71 -14.56
CA THR B 86 -9.35 -11.05 -14.06
C THR B 86 -10.55 -10.33 -14.69
N LEU B 87 -10.32 -9.36 -15.58
CA LEU B 87 -11.40 -8.58 -16.20
C LEU B 87 -11.54 -8.98 -17.68
N GLU B 88 -12.72 -9.48 -18.02
CA GLU B 88 -13.02 -10.00 -19.39
C GLU B 88 -12.96 -8.89 -20.45
N GLN B 89 -13.29 -7.67 -20.05
CA GLN B 89 -13.08 -6.46 -20.81
C GLN B 89 -12.56 -5.37 -19.85
N PRO B 90 -11.95 -4.28 -20.39
CA PRO B 90 -11.41 -3.19 -19.56
C PRO B 90 -12.52 -2.60 -18.68
N ARG B 91 -12.23 -2.21 -17.44
CA ARG B 91 -13.27 -1.62 -16.61
C ARG B 91 -13.04 -0.11 -16.56
N ILE B 92 -14.09 0.68 -16.77
CA ILE B 92 -13.98 2.10 -16.77
C ILE B 92 -14.80 2.56 -15.61
N VAL B 93 -14.19 3.38 -14.76
CA VAL B 93 -14.88 3.87 -13.58
C VAL B 93 -14.88 5.38 -13.72
N LYS B 94 -16.09 5.99 -13.67
CA LYS B 94 -16.21 7.40 -13.93
C LYS B 94 -15.91 8.13 -12.66
N TRP B 95 -15.29 9.30 -12.77
CA TRP B 95 -15.11 10.18 -11.66
C TRP B 95 -16.46 10.78 -11.28
N ASP B 96 -16.96 10.52 -10.09
CA ASP B 96 -18.22 11.12 -9.63
C ASP B 96 -17.88 12.27 -8.74
N ARG B 97 -17.96 13.48 -9.28
CA ARG B 97 -17.51 14.67 -8.55
C ARG B 97 -18.45 15.09 -7.44
N ASP B 98 -19.63 14.48 -7.42
CA ASP B 98 -20.66 14.79 -6.43
C ASP B 98 -20.74 13.80 -5.22
N LEU B 99 -19.77 12.86 -5.08
CA LEU B 99 -19.75 11.95 -3.89
C LEU B 99 -19.45 12.74 -2.64
N VAL C 1 18.15 1.11 6.57
CA VAL C 1 18.75 0.54 5.32
C VAL C 1 18.20 -0.88 5.16
N GLY C 2 18.32 -1.42 3.98
CA GLY C 2 17.72 -2.70 3.71
C GLY C 2 18.73 -3.82 3.96
N TYR C 3 18.23 -5.04 3.81
CA TYR C 3 19.01 -6.20 4.12
C TYR C 3 19.56 -6.86 2.86
N PRO C 4 20.87 -7.18 2.85
CA PRO C 4 21.37 -7.81 1.65
C PRO C 4 21.07 -9.30 1.65
N LYS C 5 20.49 -9.76 0.55
CA LYS C 5 20.36 -11.22 0.31
C LYS C 5 21.71 -11.76 -0.19
N VAL C 6 22.03 -12.96 0.23
CA VAL C 6 23.18 -13.72 -0.28
C VAL C 6 22.78 -15.02 -0.94
N LYS C 7 23.44 -15.34 -2.06
CA LYS C 7 23.13 -16.51 -2.84
C LYS C 7 23.24 -17.80 -2.07
N GLU C 8 24.11 -17.88 -1.07
CA GLU C 8 24.28 -19.09 -0.25
C GLU C 8 23.07 -19.39 0.62
N GLU C 9 22.20 -18.38 0.82
CA GLU C 9 20.97 -18.53 1.62
C GLU C 9 19.79 -18.40 0.62
N MET C 10 19.40 -19.53 0.05
CA MET C 10 18.52 -19.50 -1.14
C MET C 10 17.25 -20.31 -0.86
N LEU C 11 16.13 -19.85 -1.37
CA LEU C 11 14.88 -20.59 -1.36
C LEU C 11 15.02 -21.87 -2.22
#